data_7HJ1
#
_entry.id   7HJ1
#
_cell.length_a   26.452
_cell.length_b   47.355
_cell.length_c   46.404
_cell.angle_alpha   90.000
_cell.angle_beta   103.630
_cell.angle_gamma   90.000
#
_symmetry.space_group_name_H-M   'P 1 21 1'
#
loop_
_entity.id
_entity.type
_entity.pdbx_description
1 polymer 'De novo designed ABLE protein'
2 non-polymer CHLORZOXAZONE
3 water water
#
_entity_poly.entity_id   1
_entity_poly.type   'polypeptide(L)'
_entity_poly.pdbx_seq_one_letter_code
;SVKSEYAEAAAVGQEAVAVFNTMKAAFQNGDKEAVAQYLARLASLYTRHEELLNRILEKARREGNKEAVTLMNEFTATFQ
TGKSIFNAMVAAFKNGDDDSFESYLQALEKVTAKGETLADQIAKAL
;
_entity_poly.pdbx_strand_id   A
#
# COMPACT_ATOMS: atom_id res chain seq x y z
N SER A 1 10.06 18.76 5.43
N SER A 1 9.88 18.78 5.15
CA SER A 1 10.73 17.80 6.33
CA SER A 1 10.80 17.86 5.85
C SER A 1 10.36 16.38 5.96
C SER A 1 10.35 16.42 5.65
N VAL A 2 11.08 15.41 6.55
N VAL A 2 11.03 15.48 6.31
CA VAL A 2 10.75 14.02 6.32
CA VAL A 2 10.62 14.09 6.21
C VAL A 2 9.42 13.64 6.95
C VAL A 2 9.17 13.93 6.66
N LYS A 3 8.99 14.39 7.98
N LYS A 3 8.69 14.83 7.53
CA LYS A 3 7.70 14.14 8.59
CA LYS A 3 7.31 14.72 8.02
C LYS A 3 6.56 14.62 7.70
C LYS A 3 6.28 15.18 6.97
N SER A 4 6.73 15.77 7.06
N SER A 4 6.58 16.24 6.21
CA SER A 4 5.70 16.24 6.12
CA SER A 4 5.68 16.58 5.10
C SER A 4 5.64 15.36 4.89
C SER A 4 5.65 15.48 4.06
N GLU A 5 6.81 14.86 4.43
N GLU A 5 6.76 14.76 3.88
CA GLU A 5 6.84 13.96 3.30
CA GLU A 5 6.78 13.63 2.99
C GLU A 5 6.19 12.62 3.62
C GLU A 5 6.00 12.47 3.59
N TYR A 6 6.13 12.24 4.90
N TYR A 6 6.04 12.32 4.92
CA TYR A 6 5.43 11.00 5.27
CA TYR A 6 5.23 11.26 5.52
C TYR A 6 3.93 11.21 5.27
C TYR A 6 3.73 11.56 5.40
N ALA A 7 3.47 12.39 5.72
N ALA A 7 3.33 12.83 5.57
CA ALA A 7 2.05 12.70 5.67
CA ALA A 7 1.93 13.17 5.42
C ALA A 7 1.56 12.75 4.22
C ALA A 7 1.46 12.88 4.01
N GLU A 8 2.41 13.23 3.31
N GLU A 8 2.30 13.17 3.01
CA GLU A 8 2.05 13.21 1.89
CA GLU A 8 1.91 12.87 1.64
C GLU A 8 2.03 11.79 1.36
C GLU A 8 1.80 11.36 1.42
N ALA A 9 2.94 10.93 1.84
N ALA A 9 2.78 10.61 1.92
CA ALA A 9 2.91 9.53 1.45
CA ALA A 9 2.70 9.16 1.83
C ALA A 9 1.73 8.80 2.06
C ALA A 9 1.43 8.62 2.49
N ALA A 10 1.34 9.18 3.28
N ALA A 10 1.08 9.14 3.65
CA ALA A 10 0.17 8.58 3.92
CA ALA A 10 -0.15 8.71 4.32
C ALA A 10 -1.11 8.96 3.19
C ALA A 10 -1.37 9.02 3.47
N ALA A 11 -1.16 10.18 2.63
N ALA A 11 -1.39 10.19 2.85
CA ALA A 11 -2.36 10.58 1.88
CA ALA A 11 -2.52 10.55 2.01
C ALA A 11 -2.49 9.78 0.59
C ALA A 11 -2.61 9.65 0.78
N VAL A 12 -1.36 9.46 -0.05
N VAL A 12 -1.49 9.31 0.15
CA VAL A 12 -1.41 8.62 -1.24
CA VAL A 12 -1.53 8.38 -0.98
C VAL A 12 -1.87 7.21 -0.89
C VAL A 12 -2.04 7.01 -0.54
N GLY A 13 -1.51 6.72 0.29
N GLY A 13 -1.57 6.52 0.62
CA GLY A 13 -1.98 5.41 0.72
CA GLY A 13 -2.14 5.29 1.15
C GLY A 13 -3.47 5.38 0.99
C GLY A 13 -3.65 5.40 1.32
N GLN A 14 -4.00 6.45 1.60
N GLN A 14 -4.14 6.57 1.75
CA GLN A 14 -5.43 6.51 1.86
CA GLN A 14 -5.59 6.76 1.93
C GLN A 14 -6.23 6.66 0.58
C GLN A 14 -6.31 6.79 0.60
N GLU A 15 -5.67 7.32 -0.43
CA GLU A 15 -6.28 7.32 -1.75
C GLU A 15 -6.41 5.90 -2.27
N ALA A 16 -5.38 5.09 -2.04
N ALA A 16 -5.41 5.08 -1.98
CA ALA A 16 -5.43 3.70 -2.49
CA ALA A 16 -5.47 3.69 -2.41
C ALA A 16 -6.50 2.92 -1.74
C ALA A 16 -6.59 2.95 -1.69
N VAL A 17 -6.77 3.27 -0.48
N VAL A 17 -6.76 3.19 -0.39
CA VAL A 17 -7.85 2.64 0.26
CA VAL A 17 -7.91 2.61 0.32
C VAL A 17 -9.20 3.03 -0.34
C VAL A 17 -9.23 3.02 -0.35
N ALA A 18 -9.38 4.30 -0.66
CA ALA A 18 -10.61 4.75 -1.31
C ALA A 18 -10.84 4.04 -2.63
N VAL A 19 -9.82 4.00 -3.49
CA VAL A 19 -10.01 3.36 -4.79
C VAL A 19 -10.19 1.87 -4.62
N PHE A 20 -9.51 1.26 -3.64
N PHE A 20 -9.54 1.28 -3.63
CA PHE A 20 -9.64 -0.17 -3.42
CA PHE A 20 -9.70 -0.16 -3.42
C PHE A 20 -11.08 -0.53 -3.04
C PHE A 20 -11.15 -0.50 -3.06
N ASN A 21 -11.67 0.20 -2.09
N ASN A 21 -11.72 0.27 -2.14
CA ASN A 21 -13.03 -0.10 -1.66
CA ASN A 21 -13.09 -0.01 -1.71
C ASN A 21 -14.03 0.14 -2.78
C ASN A 21 -14.07 0.19 -2.85
N THR A 22 -13.75 1.10 -3.66
N THR A 22 -13.84 1.19 -3.71
CA THR A 22 -14.63 1.31 -4.81
CA THR A 22 -14.73 1.39 -4.85
C THR A 22 -14.49 0.17 -5.81
C THR A 22 -14.60 0.24 -5.84
N MET A 23 -13.28 -0.32 -6.01
N MET A 23 -13.38 -0.27 -5.99
CA MET A 23 -13.06 -1.46 -6.91
CA MET A 23 -13.11 -1.40 -6.88
C MET A 23 -13.73 -2.72 -6.37
C MET A 23 -13.76 -2.68 -6.36
N LYS A 24 -13.69 -2.92 -5.06
CA LYS A 24 -14.35 -4.07 -4.46
C LYS A 24 -15.85 -4.02 -4.75
N ALA A 25 -16.45 -2.84 -4.58
N ALA A 25 -16.45 -2.84 -4.56
CA ALA A 25 -17.88 -2.71 -4.84
CA ALA A 25 -17.87 -2.69 -4.83
C ALA A 25 -18.20 -2.98 -6.30
C ALA A 25 -18.17 -3.02 -6.29
N ALA A 26 -17.32 -2.56 -7.22
CA ALA A 26 -17.55 -2.83 -8.64
C ALA A 26 -17.34 -4.32 -8.95
N PHE A 27 -16.36 -4.95 -8.31
N PHE A 27 -16.36 -4.95 -8.32
CA PHE A 27 -16.13 -6.38 -8.53
CA PHE A 27 -16.18 -6.40 -8.48
C PHE A 27 -17.33 -7.20 -8.10
C PHE A 27 -17.43 -7.14 -8.05
N GLN A 28 -17.91 -6.88 -6.94
N GLN A 28 -17.94 -6.84 -6.86
CA GLN A 28 -19.08 -7.62 -6.48
CA GLN A 28 -19.13 -7.54 -6.36
C GLN A 28 -20.26 -7.42 -7.41
C GLN A 28 -20.31 -7.36 -7.31
N ASN A 29 -20.38 -6.23 -8.01
N ASN A 29 -20.44 -6.17 -7.90
CA ASN A 29 -21.47 -5.94 -8.94
CA ASN A 29 -21.52 -5.81 -8.82
C ASN A 29 -21.23 -6.49 -10.33
C ASN A 29 -21.31 -6.30 -10.25
N GLY A 30 -20.02 -6.96 -10.63
N GLY A 30 -20.15 -6.87 -10.58
CA GLY A 30 -19.73 -7.48 -11.95
CA GLY A 30 -19.93 -7.40 -11.91
C GLY A 30 -19.39 -6.44 -12.99
C GLY A 30 -19.54 -6.40 -12.96
N ASP A 31 -19.08 -5.21 -12.57
CA ASP A 31 -18.72 -4.14 -13.50
C ASP A 31 -17.24 -4.30 -13.83
N LYS A 32 -16.95 -5.21 -14.77
N LYS A 32 -16.94 -5.25 -14.72
CA LYS A 32 -15.57 -5.57 -15.05
CA LYS A 32 -15.55 -5.62 -14.99
C LYS A 32 -14.82 -4.43 -15.76
C LYS A 32 -14.79 -4.48 -15.65
N GLU A 33 -15.52 -3.60 -16.53
N GLU A 33 -15.44 -3.67 -16.49
CA GLU A 33 -14.87 -2.46 -17.16
CA GLU A 33 -14.76 -2.55 -17.11
C GLU A 33 -14.37 -1.46 -16.13
C GLU A 33 -14.30 -1.53 -16.06
N ALA A 34 -15.13 -1.27 -15.05
CA ALA A 34 -14.70 -0.40 -13.97
C ALA A 34 -13.56 -1.02 -13.18
N VAL A 35 -13.64 -2.31 -12.89
CA VAL A 35 -12.55 -2.96 -12.14
C VAL A 35 -11.22 -2.78 -12.87
N ALA A 36 -11.23 -2.94 -14.19
N ALA A 36 -11.21 -2.97 -14.19
CA ALA A 36 -9.99 -2.79 -14.95
CA ALA A 36 -9.97 -2.85 -14.94
C ALA A 36 -9.40 -1.40 -14.81
C ALA A 36 -9.33 -1.48 -14.74
N GLN A 37 -10.26 -0.37 -14.78
N GLN A 37 -10.15 -0.44 -14.78
CA GLN A 37 -9.76 1.00 -14.65
CA GLN A 37 -9.65 0.93 -14.63
C GLN A 37 -9.26 1.26 -13.24
C GLN A 37 -9.18 1.17 -13.22
N TYR A 38 -9.95 0.72 -12.22
CA TYR A 38 -9.48 0.90 -10.85
C TYR A 38 -8.19 0.13 -10.57
N LEU A 39 -8.01 -1.04 -11.19
N LEU A 39 -8.03 -1.08 -11.15
CA LEU A 39 -6.76 -1.78 -11.05
CA LEU A 39 -6.76 -1.81 -10.95
C LEU A 39 -5.59 -1.01 -11.67
C LEU A 39 -5.59 -1.04 -11.57
N ALA A 40 -5.84 -0.28 -12.75
N ALA A 40 -5.78 -0.41 -12.74
CA ALA A 40 -4.80 0.56 -13.32
CA ALA A 40 -4.70 0.40 -13.30
C ALA A 40 -4.56 1.79 -12.47
C ALA A 40 -4.39 1.60 -12.39
N ARG A 41 -5.60 2.30 -11.82
N ARG A 41 -5.44 2.20 -11.83
CA ARG A 41 -5.44 3.45 -10.92
CA ARG A 41 -5.25 3.34 -10.92
C ARG A 41 -4.69 3.05 -9.65
C ARG A 41 -4.50 2.90 -9.67
N LEU A 42 -4.97 1.86 -9.12
N LEU A 42 -4.85 1.73 -9.14
CA LEU A 42 -4.28 1.40 -7.93
CA LEU A 42 -4.17 1.24 -7.95
C LEU A 42 -2.82 1.09 -8.21
C LEU A 42 -2.72 0.93 -8.24
N ALA A 43 -2.52 0.56 -9.40
N ALA A 43 -2.41 0.43 -9.45
CA ALA A 43 -1.14 0.25 -9.74
CA ALA A 43 -1.01 0.13 -9.75
C ALA A 43 -0.28 1.52 -9.79
C ALA A 43 -0.19 1.42 -9.72
N SER A 44 -0.87 2.63 -10.24
N SER A 44 -0.74 2.49 -10.29
CA SER A 44 -0.14 3.89 -10.25
CA SER A 44 -0.05 3.77 -10.28
C SER A 44 0.00 4.46 -8.86
C SER A 44 0.08 4.29 -8.85
N LEU A 45 -1.00 4.25 -8.00
N LEU A 45 -0.98 4.13 -8.04
CA LEU A 45 -0.92 4.76 -6.63
CA LEU A 45 -0.92 4.59 -6.67
C LEU A 45 0.07 3.96 -5.80
C LEU A 45 0.12 3.81 -5.85
N TYR A 46 0.07 2.63 -5.95
N TYR A 46 0.21 2.50 -6.05
CA TYR A 46 1.01 1.81 -5.21
CA TYR A 46 1.21 1.74 -5.31
C TYR A 46 2.45 2.06 -5.64
C TYR A 46 2.62 2.14 -5.72
N THR A 47 2.67 2.35 -6.92
N THR A 47 2.84 2.45 -6.99
CA THR A 47 4.01 2.67 -7.39
CA THR A 47 4.14 2.89 -7.46
C THR A 47 4.46 4.03 -6.85
C THR A 47 4.52 4.21 -6.82
N ARG A 48 3.57 5.02 -6.83
N ARG A 48 3.58 5.15 -6.75
CA ARG A 48 3.90 6.31 -6.24
CA ARG A 48 3.84 6.44 -6.09
C ARG A 48 4.16 6.18 -4.75
C ARG A 48 4.08 6.26 -4.61
N HIS A 49 3.35 5.38 -4.05
N HIS A 49 3.27 5.43 -3.96
CA HIS A 49 3.52 5.22 -2.61
CA HIS A 49 3.46 5.20 -2.52
C HIS A 49 4.84 4.52 -2.29
C HIS A 49 4.85 4.63 -2.23
N GLU A 50 5.18 3.48 -3.07
N GLU A 50 5.26 3.64 -3.01
CA GLU A 50 6.43 2.77 -2.83
CA GLU A 50 6.58 3.03 -2.83
C GLU A 50 7.65 3.66 -3.02
C GLU A 50 7.68 4.08 -3.02
N GLU A 51 7.57 4.60 -3.98
N GLU A 51 7.52 4.95 -4.03
CA GLU A 51 8.72 5.47 -4.23
CA GLU A 51 8.52 6.00 -4.25
C GLU A 51 8.86 6.54 -3.16
C GLU A 51 8.61 6.90 -3.03
N LEU A 52 7.75 7.00 -2.58
N LEU A 52 7.49 7.27 -2.43
CA LEU A 52 7.83 7.97 -1.49
CA LEU A 52 7.57 8.14 -1.26
C LEU A 52 8.34 7.32 -0.22
C LEU A 52 8.14 7.42 -0.06
N LEU A 53 7.79 6.15 0.13
CA LEU A 53 8.32 5.39 1.26
C LEU A 53 9.80 5.20 1.14
N ASN A 54 10.30 4.92 -0.07
N ASN A 54 10.30 5.02 -0.08
CA ASN A 54 11.71 4.63 -0.22
CA ASN A 54 11.75 4.86 -0.24
C ASN A 54 12.57 5.85 0.04
C ASN A 54 12.48 6.15 0.09
N ARG A 55 12.15 7.02 -0.47
N ARG A 55 11.92 7.30 -0.31
CA ARG A 55 12.87 8.25 -0.18
CA ARG A 55 12.54 8.59 0.00
C ARG A 55 12.85 8.56 1.31
C ARG A 55 12.57 8.80 1.52
N ILE A 56 11.75 8.22 2.00
N ILE A 56 11.50 8.43 2.20
CA ILE A 56 11.65 8.46 3.43
CA ILE A 56 11.45 8.58 3.66
C ILE A 56 12.62 7.56 4.19
C ILE A 56 12.50 7.70 4.32
N LEU A 57 12.69 6.28 3.81
N LEU A 57 12.60 6.44 3.89
CA LEU A 57 13.60 5.36 4.47
CA LEU A 57 13.59 5.52 4.48
C LEU A 57 15.06 5.75 4.23
C LEU A 57 15.00 6.00 4.22
N GLU A 58 15.37 6.22 3.01
N GLU A 58 15.29 6.40 2.98
CA GLU A 58 16.73 6.65 2.72
CA GLU A 58 16.64 6.86 2.66
C GLU A 58 17.08 7.93 3.47
C GLU A 58 17.00 8.11 3.46
N LYS A 59 16.10 8.81 3.68
N LYS A 59 16.05 9.00 3.70
CA LYS A 59 16.36 10.05 4.41
CA LYS A 59 16.33 10.20 4.48
C LYS A 59 16.61 9.78 5.88
C LYS A 59 16.56 9.86 5.95
N ALA A 60 15.78 8.93 6.49
CA ALA A 60 16.01 8.51 7.87
C ALA A 60 17.40 7.87 8.02
N ARG A 61 17.85 7.14 7.00
N ARG A 61 17.84 7.12 7.02
CA ARG A 61 19.17 6.52 7.07
CA ARG A 61 19.18 6.52 7.05
C ARG A 61 20.27 7.58 7.05
C ARG A 61 20.24 7.59 7.02
N ARG A 62 20.07 8.67 6.27
N ARG A 62 20.13 8.55 6.09
CA ARG A 62 21.05 9.74 6.25
CA ARG A 62 21.14 9.62 6.00
C ARG A 62 20.95 10.64 7.48
C ARG A 62 21.20 10.45 7.28
N GLU A 63 19.79 10.67 8.13
N GLU A 63 20.11 10.56 8.01
CA GLU A 63 19.59 11.46 9.34
CA GLU A 63 20.10 11.19 9.32
C GLU A 63 19.99 10.70 10.61
C GLU A 63 20.60 10.28 10.43
N GLY A 64 20.39 9.43 10.50
N GLY A 64 20.81 9.00 10.17
CA GLY A 64 20.76 8.67 11.68
CA GLY A 64 21.18 8.11 11.25
C GLY A 64 19.61 8.37 12.62
C GLY A 64 20.12 7.95 12.31
N ASN A 65 18.37 8.43 12.14
N ASN A 65 18.85 8.09 11.94
CA ASN A 65 17.19 8.12 12.94
CA ASN A 65 17.71 7.98 12.86
C ASN A 65 17.01 6.61 12.98
C ASN A 65 17.43 6.49 12.97
N LYS A 66 17.72 5.95 13.91
N LYS A 66 18.03 5.83 13.96
CA LYS A 66 17.75 4.49 13.93
CA LYS A 66 17.99 4.37 13.99
C LYS A 66 16.37 3.91 14.13
C LYS A 66 16.57 3.83 14.18
N GLU A 67 15.59 4.45 15.07
N GLU A 67 15.77 4.46 15.05
CA GLU A 67 14.28 3.88 15.35
CA GLU A 67 14.44 3.90 15.28
C GLU A 67 13.35 4.02 14.16
C GLU A 67 13.58 4.05 14.02
N ALA A 68 13.41 5.15 13.45
N ALA A 68 13.63 5.21 13.38
CA ALA A 68 12.59 5.31 12.26
CA ALA A 68 12.84 5.38 12.16
C ALA A 68 13.03 4.37 11.15
C ALA A 68 13.26 4.40 11.09
N VAL A 69 14.33 4.13 11.03
N VAL A 69 14.56 4.16 10.97
CA VAL A 69 14.82 3.18 10.03
CA VAL A 69 15.04 3.20 9.96
C VAL A 69 14.32 1.77 10.35
C VAL A 69 14.47 1.82 10.23
N THR A 70 14.33 1.40 11.63
N THR A 70 14.50 1.40 11.50
CA THR A 70 13.85 0.08 12.02
CA THR A 70 14.00 0.07 11.84
C THR A 70 12.37 -0.07 11.70
C THR A 70 12.52 -0.06 11.48
N LEU A 71 11.56 0.96 11.98
N LEU A 71 11.70 0.89 11.93
CA LEU A 71 10.14 0.88 11.68
CA LEU A 71 10.27 0.83 11.68
C LEU A 71 9.88 0.97 10.18
C LEU A 71 9.96 0.90 10.19
N MET A 72 10.70 1.74 9.45
CA MET A 72 10.50 1.87 8.00
C MET A 72 10.94 0.59 7.26
N ASN A 73 11.99 -0.08 7.72
CA ASN A 73 12.34 -1.38 7.12
C ASN A 73 11.22 -2.38 7.34
N GLU A 74 10.66 -2.43 8.54
N GLU A 74 10.67 -2.45 8.56
CA GLU A 74 9.57 -3.36 8.81
CA GLU A 74 9.59 -3.39 8.83
C GLU A 74 8.32 -3.02 7.99
C GLU A 74 8.36 -3.05 8.02
N PHE A 75 8.10 -1.73 7.75
N PHE A 75 8.00 -1.77 8.00
CA PHE A 75 6.91 -1.30 7.02
CA PHE A 75 6.80 -1.37 7.26
C PHE A 75 7.07 -1.51 5.51
C PHE A 75 6.96 -1.64 5.79
N THR A 76 8.28 -1.29 4.98
N THR A 76 8.13 -1.34 5.22
CA THR A 76 8.50 -1.50 3.56
CA THR A 76 8.27 -1.53 3.78
C THR A 76 8.49 -2.98 3.20
C THR A 76 8.24 -3.00 3.41
N ALA A 77 8.83 -3.84 4.16
N ALA A 77 8.79 -3.87 4.26
CA ALA A 77 8.74 -5.28 3.92
CA ALA A 77 8.67 -5.31 4.01
C ALA A 77 7.29 -5.74 3.86
C ALA A 77 7.20 -5.75 3.93
N THR A 78 6.44 -5.21 4.74
N THR A 78 6.37 -5.28 4.87
CA THR A 78 5.01 -5.52 4.68
CA THR A 78 4.96 -5.67 4.85
C THR A 78 4.39 -4.95 3.42
C THR A 78 4.25 -5.06 3.63
N PHE A 79 4.91 -3.82 2.92
N PHE A 79 4.61 -3.82 3.30
CA PHE A 79 4.39 -3.25 1.68
CA PHE A 79 4.07 -3.18 2.11
C PHE A 79 4.61 -4.20 0.50
C PHE A 79 4.34 -4.01 0.87
N GLN A 80 5.77 -4.87 0.46
N GLN A 80 5.54 -4.60 0.77
CA GLN A 80 6.04 -5.81 -0.62
CA GLN A 80 5.88 -5.46 -0.38
C GLN A 80 5.14 -7.03 -0.54
C GLN A 80 5.05 -6.75 -0.43
N THR A 81 4.74 -7.43 0.66
N THR A 81 4.72 -7.34 0.72
CA THR A 81 3.78 -8.52 0.79
CA THR A 81 3.80 -8.47 0.73
C THR A 81 2.43 -8.11 0.21
C THR A 81 2.47 -8.08 0.12
N GLY A 82 1.98 -6.90 0.54
CA GLY A 82 0.75 -6.39 -0.05
C GLY A 82 0.85 -6.22 -1.55
N LYS A 83 1.96 -5.64 -2.03
CA LYS A 83 2.15 -5.46 -3.47
C LYS A 83 2.19 -6.79 -4.21
N SER A 84 2.88 -7.79 -3.64
N SER A 84 2.89 -7.79 -3.66
CA SER A 84 2.90 -9.11 -4.26
CA SER A 84 2.89 -9.10 -4.29
C SER A 84 1.51 -9.70 -4.35
C SER A 84 1.47 -9.67 -4.38
N ILE A 85 0.69 -9.52 -3.31
CA ILE A 85 -0.70 -10.00 -3.38
C ILE A 85 -1.48 -9.19 -4.39
N PHE A 86 -1.26 -7.87 -4.45
CA PHE A 86 -1.97 -7.08 -5.44
C PHE A 86 -1.62 -7.54 -6.85
N ASN A 87 -0.34 -7.82 -7.12
N ASN A 87 -0.34 -7.81 -7.12
CA ASN A 87 0.05 -8.27 -8.44
CA ASN A 87 0.04 -8.27 -8.45
C ASN A 87 -0.59 -9.61 -8.80
C ASN A 87 -0.64 -9.59 -8.80
N ALA A 88 -0.76 -10.49 -7.81
CA ALA A 88 -1.46 -11.75 -8.06
C ALA A 88 -2.95 -11.52 -8.30
N MET A 89 -3.53 -10.52 -7.63
N MET A 89 -3.55 -10.55 -7.61
CA MET A 89 -4.94 -10.21 -7.82
CA MET A 89 -4.94 -10.17 -7.90
C MET A 89 -5.20 -9.66 -9.21
C MET A 89 -5.09 -9.66 -9.34
N VAL A 90 -4.26 -8.86 -9.73
N VAL A 90 -4.16 -8.85 -9.79
CA VAL A 90 -4.40 -8.36 -11.10
CA VAL A 90 -4.19 -8.35 -11.16
C VAL A 90 -4.28 -9.49 -12.11
C VAL A 90 -4.17 -9.52 -12.14
N ALA A 91 -3.38 -10.44 -11.84
N ALA A 91 -3.32 -10.52 -11.87
CA ALA A 91 -3.23 -11.59 -12.74
CA ALA A 91 -3.20 -11.67 -12.76
C ALA A 91 -4.49 -12.45 -12.74
C ALA A 91 -4.46 -12.52 -12.73
N ALA A 92 -5.12 -12.62 -11.58
CA ALA A 92 -6.37 -13.37 -11.52
C ALA A 92 -7.48 -12.69 -12.32
N PHE A 93 -7.53 -11.37 -12.29
CA PHE A 93 -8.50 -10.65 -13.11
C PHE A 93 -8.25 -10.89 -14.60
N LYS A 94 -7.00 -10.83 -15.03
N LYS A 94 -7.00 -10.82 -15.02
CA LYS A 94 -6.67 -11.10 -16.42
CA LYS A 94 -6.60 -11.06 -16.39
C LYS A 94 -7.11 -12.51 -16.81
C LYS A 94 -7.03 -12.44 -16.83
N ASN A 95 -6.91 -13.48 -15.92
N ASN A 95 -6.90 -13.42 -15.96
CA ASN A 95 -7.28 -14.86 -16.19
CA ASN A 95 -7.19 -14.81 -16.30
C ASN A 95 -8.76 -15.14 -15.97
C ASN A 95 -8.64 -15.18 -16.11
N GLY A 96 -9.48 -14.22 -15.32
N GLY A 96 -9.49 -14.27 -15.68
CA GLY A 96 -10.89 -14.45 -15.04
CA GLY A 96 -10.91 -14.59 -15.50
C GLY A 96 -11.12 -15.41 -13.90
C GLY A 96 -11.20 -15.46 -14.29
N ASP A 97 -10.19 -15.52 -12.96
N ASP A 97 -10.34 -15.45 -13.29
CA ASP A 97 -10.31 -16.42 -11.81
CA ASP A 97 -10.43 -16.31 -12.10
C ASP A 97 -10.91 -15.63 -10.65
C ASP A 97 -11.05 -15.45 -10.99
N ASP A 98 -12.24 -15.56 -10.62
N ASP A 98 -12.38 -15.44 -10.92
CA ASP A 98 -12.92 -14.80 -9.57
CA ASP A 98 -13.07 -14.65 -9.90
C ASP A 98 -12.65 -15.40 -8.19
C ASP A 98 -12.90 -15.24 -8.51
N ASP A 99 -12.50 -16.72 -8.11
N ASP A 99 -12.78 -16.57 -8.39
CA ASP A 99 -12.20 -17.35 -6.82
CA ASP A 99 -12.59 -17.16 -7.08
C ASP A 99 -10.88 -16.86 -6.26
C ASP A 99 -11.30 -16.68 -6.44
N SER A 100 -9.85 -16.77 -7.10
N SER A 100 -10.18 -16.76 -7.16
CA SER A 100 -8.56 -16.25 -6.63
CA SER A 100 -8.92 -16.26 -6.64
C SER A 100 -8.62 -14.75 -6.42
C SER A 100 -8.97 -14.76 -6.37
N PHE A 101 -9.43 -14.04 -7.20
N PHE A 101 -9.64 -14.00 -7.24
CA PHE A 101 -9.57 -12.60 -7.01
CA PHE A 101 -9.73 -12.54 -7.03
C PHE A 101 -10.18 -12.29 -5.65
C PHE A 101 -10.39 -12.22 -5.70
N GLU A 102 -11.20 -13.05 -5.24
N GLU A 102 -11.54 -12.85 -5.42
CA GLU A 102 -11.77 -12.88 -3.92
CA GLU A 102 -12.21 -12.63 -4.15
C GLU A 102 -10.76 -13.22 -2.83
C GLU A 102 -11.27 -12.91 -2.99
N SER A 103 -10.00 -14.30 -3.03
N SER A 103 -10.53 -14.02 -3.08
CA SER A 103 -9.01 -14.69 -2.03
CA SER A 103 -9.67 -14.43 -1.98
C SER A 103 -7.93 -13.63 -1.87
C SER A 103 -8.54 -13.44 -1.76
N TYR A 104 -7.38 -13.17 -3.00
N TYR A 104 -7.94 -12.96 -2.86
CA TYR A 104 -6.33 -12.14 -2.94
CA TYR A 104 -6.86 -11.97 -2.73
C TYR A 104 -6.87 -10.82 -2.42
C TYR A 104 -7.36 -10.64 -2.22
N LEU A 105 -8.17 -10.55 -2.60
N LEU A 105 -8.54 -10.22 -2.69
CA LEU A 105 -8.73 -9.29 -2.14
CA LEU A 105 -9.16 -9.03 -2.13
C LEU A 105 -8.85 -9.26 -0.62
C LEU A 105 -9.14 -9.08 -0.59
N GLN A 106 -9.32 -10.36 -0.01
N GLN A 106 -9.63 -10.19 -0.04
CA GLN A 106 -9.40 -10.41 1.44
CA GLN A 106 -9.69 -10.34 1.42
C GLN A 106 -8.01 -10.40 2.08
C GLN A 106 -8.30 -10.34 2.04
N ALA A 107 -7.04 -11.08 1.46
N ALA A 107 -7.37 -11.05 1.41
CA ALA A 107 -5.69 -11.10 2.00
CA ALA A 107 -6.02 -11.15 1.93
C ALA A 107 -5.07 -9.71 1.97
C ALA A 107 -5.32 -9.80 1.93
N LEU A 108 -5.35 -8.94 0.92
N LEU A 108 -5.53 -9.02 0.88
CA LEU A 108 -4.81 -7.58 0.84
CA LEU A 108 -4.84 -7.73 0.77
C LEU A 108 -5.45 -6.67 1.90
C LEU A 108 -5.34 -6.75 1.83
N GLU A 109 -6.71 -6.93 2.25
N GLU A 109 -6.63 -6.83 2.17
CA GLU A 109 -7.36 -6.16 3.30
CA GLU A 109 -7.17 -5.98 3.23
C GLU A 109 -6.75 -6.47 4.66
C GLU A 109 -6.49 -6.26 4.55
N LYS A 110 -6.52 -7.75 4.95
N LYS A 110 -6.34 -7.55 4.89
CA LYS A 110 -5.95 -8.13 6.24
CA LYS A 110 -5.76 -7.90 6.17
C LYS A 110 -4.51 -7.67 6.38
C LYS A 110 -4.29 -7.57 6.22
N VAL A 111 -3.73 -7.77 5.29
N VAL A 111 -3.55 -7.79 5.12
CA VAL A 111 -2.36 -7.29 5.32
CA VAL A 111 -2.12 -7.44 5.16
C VAL A 111 -2.33 -5.77 5.54
C VAL A 111 -1.93 -5.93 5.24
N THR A 112 -3.26 -5.05 4.89
N THR A 112 -2.76 -5.15 4.54
CA THR A 112 -3.32 -3.60 5.08
CA THR A 112 -2.65 -3.70 4.57
C THR A 112 -3.73 -3.24 6.49
C THR A 112 -2.94 -3.15 5.96
N ALA A 113 -4.74 -3.92 7.04
N ALA A 113 -3.97 -3.68 6.61
CA ALA A 113 -5.21 -3.60 8.37
CA ALA A 113 -4.29 -3.25 7.96
C ALA A 113 -4.19 -3.93 9.45
C ALA A 113 -3.15 -3.59 8.93
N LYS A 114 -3.40 -4.99 9.25
N LYS A 114 -2.50 -4.74 8.74
CA LYS A 114 -2.40 -5.36 10.25
CA LYS A 114 -1.40 -5.11 9.61
C LYS A 114 -1.31 -4.31 10.36
C LYS A 114 -0.25 -4.11 9.52
N GLY A 115 -0.90 -3.72 9.24
N GLY A 115 0.07 -3.67 8.31
CA GLY A 115 0.22 -2.79 9.24
CA GLY A 115 1.13 -2.68 8.17
C GLY A 115 -0.20 -1.34 9.40
C GLY A 115 0.80 -1.38 8.88
N GLU A 116 -1.23 -1.08 10.21
N GLU A 116 -0.50 -1.07 8.99
CA GLU A 116 -1.66 0.28 10.48
CA GLU A 116 -0.93 0.22 9.50
C GLU A 116 -1.18 0.82 11.82
C GLU A 116 -0.67 0.39 10.98
N THR A 117 -1.02 -0.04 12.82
N THR A 117 -0.61 -0.68 11.76
CA THR A 117 -0.38 0.40 14.05
CA THR A 117 -0.35 -0.45 13.17
C THR A 117 1.06 0.81 13.78
C THR A 117 1.06 0.06 13.42
N LEU A 118 1.75 0.07 12.92
N LEU A 118 1.97 0.00 12.43
CA LEU A 118 3.12 0.43 12.56
CA LEU A 118 3.28 0.62 12.58
C LEU A 118 3.17 1.71 11.74
C LEU A 118 3.24 2.13 12.27
N ALA A 119 2.13 1.96 10.92
N ALA A 119 2.19 2.62 11.62
CA ALA A 119 2.10 3.20 10.14
CA ALA A 119 2.21 3.98 11.04
C ALA A 119 1.96 4.42 11.03
C ALA A 119 2.38 5.06 12.11
N ASP A 120 1.20 4.31 12.12
N ASP A 120 1.88 4.82 13.32
CA ASP A 120 1.09 5.43 13.06
CA ASP A 120 1.89 5.88 14.30
C ASP A 120 2.36 5.58 13.90
C ASP A 120 3.19 5.88 15.12
N GLN A 121 3.07 4.48 14.15
N GLN A 121 3.85 4.73 15.27
CA GLN A 121 4.33 4.58 14.88
CA GLN A 121 5.20 4.73 15.81
C GLN A 121 5.36 5.38 14.09
C GLN A 121 6.17 5.36 14.81
N ILE A 122 5.37 5.23 12.77
N ILE A 122 5.89 5.19 13.51
CA ILE A 122 6.36 5.90 11.94
CA ILE A 122 6.75 5.79 12.49
C ILE A 122 6.14 7.40 11.94
C ILE A 122 6.68 7.31 12.58
N ALA A 123 4.89 7.84 11.90
N ALA A 123 5.47 7.85 12.67
CA ALA A 123 4.60 9.27 11.89
CA ALA A 123 5.29 9.30 12.67
C ALA A 123 5.13 9.95 13.14
C ALA A 123 5.99 9.95 13.85
N LYS A 124 5.14 9.25 14.27
N LYS A 124 6.01 9.29 15.01
CA LYS A 124 5.65 9.79 15.51
CA LYS A 124 6.67 9.83 16.18
C LYS A 124 7.16 9.67 15.63
C LYS A 124 8.19 9.65 16.15
N ALA A 125 7.77 8.74 14.90
N ALA A 125 8.70 8.69 15.36
CA ALA A 125 9.21 8.48 15.04
CA ALA A 125 10.14 8.45 15.32
C ALA A 125 10.07 9.35 14.14
C ALA A 125 10.84 9.33 14.29
N LEU A 126 9.54 9.82 13.02
N LEU A 126 10.13 9.76 13.25
CA LEU A 126 10.33 10.61 12.08
CA LEU A 126 10.78 10.41 12.11
C LEU A 126 10.62 11.99 12.64
C LEU A 126 11.51 11.69 12.47
#